data_4ABI
#
_entry.id   4ABI
#
_cell.length_a   61.100
_cell.length_b   63.200
_cell.length_c   69.900
_cell.angle_alpha   90.00
_cell.angle_beta   90.00
_cell.angle_gamma   90.00
#
_symmetry.space_group_name_H-M   'P 21 21 21'
#
loop_
_entity.id
_entity.type
_entity.pdbx_description
1 polymer 'CATIONIC TRYPSIN'
2 polymer 'PTA-SFTI INHIBITOR'
3 non-polymer 'CALCIUM ION'
4 non-polymer DIMETHYLFORMAMIDE
5 non-polymer GLYCEROL
6 non-polymer 'SULFATE ION'
7 water water
#
loop_
_entity_poly.entity_id
_entity_poly.type
_entity_poly.pdbx_seq_one_letter_code
_entity_poly.pdbx_strand_id
1 'polypeptide(L)'
;IVGGYTCGANTVPYQVSLNSGYHFCGGSLINSQWVVSAAHCYKSGIQVRLGEDNINVVEGNEQFISASKSIVHPSYNSNT
LNNDIMLIKLKSAASLNSRVASISLPTSCASAGTQCLISGWGNTKSSGTSYPDVLKCLKAPILSDSSCKSAYPGQITSNM
FCAGYLEGGKDSCQGDSGGPVVCSGKLQGIVSWGSGCAQKNKPGVYTKVCNYVSWIKQTIASN
;
A
2 'polypeptide(L)' GRCTKSI(PLF)ICFPD B
#
loop_
_chem_comp.id
_chem_comp.type
_chem_comp.name
_chem_comp.formula
CA non-polymer 'CALCIUM ION' 'Ca 2'
DMF non-polymer DIMETHYLFORMAMIDE 'C3 H7 N O'
GOL non-polymer GLYCEROL 'C3 H8 O3'
PLF peptide-like '2-[5-(1-AMINO-2-METHYL-BUTYL)-[1,2,3]TRIAZOL-1-YL]-PROPIONIC ACID' 'C9 H14 N4 O2'
SO4 non-polymer 'SULFATE ION' 'O4 S -2'
#
# COMPACT_ATOMS: atom_id res chain seq x y z
N ILE A 1 6.94 -7.75 3.43
CA ILE A 1 5.90 -8.49 4.22
C ILE A 1 6.58 -9.51 5.12
N VAL A 2 6.35 -9.38 6.43
CA VAL A 2 6.91 -10.27 7.44
C VAL A 2 5.83 -11.26 7.88
N GLY A 3 6.18 -12.54 7.92
CA GLY A 3 5.23 -13.57 8.37
C GLY A 3 4.13 -13.91 7.40
N GLY A 4 4.35 -13.56 6.13
CA GLY A 4 3.38 -13.83 5.08
C GLY A 4 3.72 -15.07 4.30
N TYR A 5 3.22 -15.14 3.06
CA TYR A 5 3.42 -16.33 2.21
C TYR A 5 3.62 -15.88 0.77
N THR A 6 4.25 -16.71 -0.03
CA THR A 6 4.34 -16.47 -1.47
C THR A 6 2.93 -16.45 -2.10
N CYS A 7 2.55 -15.32 -2.71
CA CYS A 7 1.21 -15.16 -3.28
C CYS A 7 0.95 -16.16 -4.40
N GLY A 8 1.94 -16.35 -5.26
CA GLY A 8 1.78 -17.10 -6.51
C GLY A 8 1.74 -16.09 -7.63
N ALA A 9 2.36 -16.42 -8.76
CA ALA A 9 2.49 -15.46 -9.87
C ALA A 9 1.14 -14.89 -10.31
N ASN A 10 1.03 -13.56 -10.26
CA ASN A 10 -0.14 -12.85 -10.83
C ASN A 10 -1.48 -13.13 -10.14
N THR A 11 -1.40 -13.60 -8.89
CA THR A 11 -2.60 -13.83 -8.11
C THR A 11 -3.16 -12.53 -7.50
N VAL A 12 -2.35 -11.46 -7.54
CA VAL A 12 -2.74 -10.13 -7.03
C VAL A 12 -2.56 -9.17 -8.22
N PRO A 13 -3.48 -9.21 -9.19
CA PRO A 13 -3.18 -8.60 -10.49
C PRO A 13 -3.23 -7.08 -10.52
N TYR A 14 -3.70 -6.47 -9.43
CA TYR A 14 -3.72 -5.02 -9.26
C TYR A 14 -2.44 -4.48 -8.60
N GLN A 15 -1.58 -5.38 -8.10
CA GLN A 15 -0.36 -4.98 -7.41
C GLN A 15 0.66 -4.50 -8.43
N VAL A 16 1.18 -3.29 -8.24
CA VAL A 16 2.30 -2.82 -9.07
C VAL A 16 3.52 -2.56 -8.24
N SER A 17 4.68 -2.54 -8.91
CA SER A 17 5.95 -2.13 -8.28
C SER A 17 6.32 -0.77 -8.86
N LEU A 18 6.70 0.15 -7.99
CA LEU A 18 7.26 1.44 -8.43
C LEU A 18 8.78 1.28 -8.48
N ASN A 19 9.35 1.59 -9.64
CA ASN A 19 10.76 1.30 -9.90
C ASN A 19 11.51 2.55 -10.35
N SER A 20 12.68 2.79 -9.76
CA SER A 20 13.54 3.90 -10.17
C SER A 20 14.96 3.35 -10.35
N GLY A 21 15.08 2.27 -11.12
CA GLY A 21 16.34 1.51 -11.19
C GLY A 21 16.45 0.46 -10.10
N TYR A 22 15.38 0.35 -9.30
CA TYR A 22 15.21 -0.60 -8.20
C TYR A 22 13.78 -0.43 -7.71
N HIS A 23 13.25 -1.48 -7.09
CA HIS A 23 11.92 -1.43 -6.48
C HIS A 23 12.01 -0.61 -5.21
N PHE A 24 11.12 0.38 -5.06
CA PHE A 24 11.16 1.20 -3.83
C PHE A 24 9.82 1.34 -3.10
N CYS A 25 8.73 1.06 -3.81
CA CYS A 25 7.39 1.12 -3.23
C CYS A 25 6.44 0.29 -4.08
N GLY A 26 5.29 -0.04 -3.49
CA GLY A 26 4.21 -0.64 -4.23
C GLY A 26 3.15 0.37 -4.63
N GLY A 27 2.11 -0.16 -5.27
CA GLY A 27 0.96 0.66 -5.65
C GLY A 27 -0.14 -0.29 -6.08
N SER A 28 -1.32 0.29 -6.34
CA SER A 28 -2.50 -0.46 -6.75
C SER A 28 -3.11 0.15 -8.00
N LEU A 29 -3.31 -0.67 -9.03
CA LEU A 29 -3.96 -0.23 -10.26
C LEU A 29 -5.45 -0.09 -10.02
N ILE A 30 -6.00 1.10 -10.28
CA ILE A 30 -7.43 1.34 -10.05
C ILE A 30 -8.24 1.57 -11.33
N ASN A 31 -7.53 1.80 -12.43
CA ASN A 31 -8.09 1.69 -13.79
C ASN A 31 -6.93 1.56 -14.76
N SER A 32 -7.19 1.47 -16.06
CA SER A 32 -6.12 1.22 -17.03
C SER A 32 -4.98 2.27 -17.03
N GLN A 33 -5.29 3.48 -16.53
N GLN A 33 -5.26 3.49 -16.57
CA GLN A 33 -4.36 4.60 -16.59
CA GLN A 33 -4.22 4.53 -16.60
C GLN A 33 -3.87 5.14 -15.26
C GLN A 33 -3.92 5.19 -15.26
N TRP A 34 -4.41 4.63 -14.16
CA TRP A 34 -4.18 5.25 -12.82
C TRP A 34 -3.84 4.28 -11.73
N VAL A 35 -2.83 4.65 -10.92
CA VAL A 35 -2.34 3.86 -9.79
C VAL A 35 -2.47 4.67 -8.49
N VAL A 36 -2.87 4.00 -7.42
CA VAL A 36 -2.90 4.63 -6.09
C VAL A 36 -1.67 4.16 -5.35
N SER A 37 -0.95 5.09 -4.74
CA SER A 37 0.20 4.75 -3.91
C SER A 37 0.23 5.71 -2.72
N ALA A 38 1.35 5.72 -1.99
CA ALA A 38 1.51 6.62 -0.85
C ALA A 38 2.22 7.89 -1.25
N ALA A 39 1.82 9.00 -0.64
CA ALA A 39 2.46 10.28 -0.88
C ALA A 39 3.94 10.22 -0.58
N HIS A 40 4.33 9.51 0.49
CA HIS A 40 5.74 9.45 0.87
C HIS A 40 6.61 8.68 -0.12
N CYS A 41 5.97 7.97 -1.07
CA CYS A 41 6.70 7.30 -2.16
C CYS A 41 6.99 8.23 -3.34
N TYR A 42 6.57 9.50 -3.27
CA TYR A 42 6.81 10.40 -4.38
C TYR A 42 8.30 10.60 -4.70
N LYS A 43 8.60 10.60 -5.99
CA LYS A 43 9.89 11.03 -6.56
C LYS A 43 9.71 11.22 -8.06
N SER A 44 10.65 11.91 -8.68
N SER A 44 10.63 11.92 -8.69
CA SER A 44 10.76 12.00 -10.14
CA SER A 44 10.65 12.02 -10.15
C SER A 44 11.15 10.64 -10.71
C SER A 44 11.20 10.71 -10.73
N GLY A 45 10.88 10.42 -11.99
CA GLY A 45 11.43 9.28 -12.71
C GLY A 45 10.84 7.94 -12.32
N ILE A 46 9.55 7.92 -11.96
CA ILE A 46 8.95 6.64 -11.58
C ILE A 46 8.55 5.84 -12.83
N GLN A 47 8.97 4.57 -12.85
CA GLN A 47 8.46 3.62 -13.83
C GLN A 47 7.54 2.65 -13.11
N VAL A 48 6.31 2.52 -13.61
CA VAL A 48 5.37 1.57 -13.00
C VAL A 48 5.53 0.23 -13.68
N ARG A 49 5.68 -0.81 -12.87
CA ARG A 49 5.85 -2.17 -13.38
C ARG A 49 4.65 -2.99 -12.97
N LEU A 50 3.87 -3.37 -13.98
CA LEU A 50 2.63 -4.13 -13.81
C LEU A 50 2.84 -5.59 -14.24
N GLY A 51 1.97 -6.48 -13.77
CA GLY A 51 2.07 -7.91 -14.10
C GLY A 51 3.30 -8.63 -13.54
N GLU A 52 3.93 -8.06 -12.51
CA GLU A 52 5.17 -8.61 -11.93
C GLU A 52 4.92 -9.74 -10.95
N ASP A 53 5.80 -10.74 -10.98
CA ASP A 53 5.94 -11.64 -9.85
C ASP A 53 7.38 -11.56 -9.35
N ASN A 54 8.31 -12.23 -10.02
CA ASN A 54 9.70 -12.05 -9.71
C ASN A 54 10.16 -10.71 -10.27
N ILE A 55 10.42 -9.74 -9.39
CA ILE A 55 10.80 -8.40 -9.84
C ILE A 55 12.21 -8.30 -10.41
N ASN A 56 12.99 -9.38 -10.29
CA ASN A 56 14.38 -9.38 -10.77
C ASN A 56 14.59 -10.15 -12.06
N VAL A 57 13.53 -10.79 -12.54
CA VAL A 57 13.61 -11.59 -13.77
C VAL A 57 12.46 -11.22 -14.69
N VAL A 58 12.75 -11.06 -15.99
CA VAL A 58 11.69 -10.91 -16.98
C VAL A 58 11.08 -12.28 -17.27
N GLU A 59 9.85 -12.49 -16.80
CA GLU A 59 9.19 -13.80 -16.87
C GLU A 59 8.10 -13.88 -17.94
N GLY A 60 7.70 -12.74 -18.48
CA GLY A 60 6.49 -12.67 -19.28
C GLY A 60 5.39 -12.04 -18.46
N ASN A 61 4.48 -11.35 -19.14
CA ASN A 61 3.33 -10.67 -18.52
C ASN A 61 3.63 -9.30 -17.87
N GLU A 62 4.89 -8.88 -17.86
CA GLU A 62 5.25 -7.55 -17.37
C GLU A 62 4.84 -6.48 -18.34
N GLN A 63 4.40 -5.35 -17.79
CA GLN A 63 4.28 -4.11 -18.57
C GLN A 63 5.01 -3.04 -17.79
N PHE A 64 5.99 -2.41 -18.44
CA PHE A 64 6.71 -1.32 -17.80
C PHE A 64 6.19 -0.04 -18.45
N ILE A 65 5.63 0.88 -17.64
CA ILE A 65 5.06 2.10 -18.18
C ILE A 65 5.48 3.27 -17.32
N SER A 66 6.01 4.32 -17.95
CA SER A 66 6.43 5.51 -17.21
C SER A 66 5.26 6.22 -16.59
N ALA A 67 5.50 6.80 -15.41
CA ALA A 67 4.55 7.71 -14.81
C ALA A 67 4.60 9.00 -15.61
N SER A 68 3.45 9.50 -16.03
N SER A 68 3.44 9.49 -16.03
CA SER A 68 3.35 10.82 -16.69
CA SER A 68 3.32 10.79 -16.69
C SER A 68 2.90 11.93 -15.74
C SER A 68 3.02 11.88 -15.66
N LYS A 69 2.18 11.55 -14.69
CA LYS A 69 1.79 12.47 -13.61
C LYS A 69 1.93 11.74 -12.29
N SER A 70 2.49 12.41 -11.28
CA SER A 70 2.54 11.85 -9.93
C SER A 70 1.98 12.90 -8.99
N ILE A 71 0.77 12.67 -8.51
CA ILE A 71 -0.01 13.69 -7.82
C ILE A 71 -0.14 13.36 -6.33
N VAL A 72 0.70 14.00 -5.52
CA VAL A 72 0.63 13.87 -4.06
C VAL A 72 -0.56 14.67 -3.54
N HIS A 73 -1.29 14.14 -2.56
CA HIS A 73 -2.37 14.91 -1.96
C HIS A 73 -1.89 16.29 -1.51
N PRO A 74 -2.60 17.37 -1.91
CA PRO A 74 -2.12 18.73 -1.56
C PRO A 74 -1.98 18.96 -0.07
N SER A 75 -2.72 18.20 0.75
CA SER A 75 -2.65 18.33 2.20
C SER A 75 -1.80 17.25 2.89
N TYR A 76 -1.00 16.52 2.12
CA TYR A 76 -0.02 15.58 2.70
C TYR A 76 0.93 16.29 3.65
N ASN A 77 1.00 15.79 4.87
N ASN A 77 1.00 15.80 4.88
CA ASN A 77 1.94 16.28 5.86
CA ASN A 77 1.95 16.31 5.85
C ASN A 77 3.04 15.26 6.09
C ASN A 77 3.04 15.28 6.10
N SER A 78 4.26 15.60 5.65
CA SER A 78 5.38 14.66 5.71
C SER A 78 5.86 14.32 7.13
N ASN A 79 5.43 15.11 8.11
CA ASN A 79 5.82 14.88 9.52
C ASN A 79 4.85 13.93 10.21
N THR A 80 3.56 14.18 10.05
CA THR A 80 2.52 13.35 10.68
C THR A 80 2.08 12.19 9.78
N LEU A 81 2.37 12.31 8.49
CA LEU A 81 1.93 11.34 7.47
C LEU A 81 0.42 11.33 7.24
N ASN A 82 -0.27 12.36 7.70
CA ASN A 82 -1.67 12.53 7.37
C ASN A 82 -1.83 12.78 5.88
N ASN A 83 -2.89 12.22 5.30
CA ASN A 83 -3.16 12.33 3.85
C ASN A 83 -2.05 11.69 3.01
N ASP A 84 -1.59 10.52 3.44
CA ASP A 84 -0.49 9.81 2.78
C ASP A 84 -1.00 9.02 1.57
N ILE A 85 -1.33 9.76 0.52
CA ILE A 85 -1.89 9.20 -0.71
C ILE A 85 -1.35 9.96 -1.91
N MET A 86 -1.12 9.22 -2.99
CA MET A 86 -0.63 9.80 -4.24
C MET A 86 -1.31 9.05 -5.38
N LEU A 87 -1.69 9.79 -6.43
CA LEU A 87 -2.17 9.19 -7.65
C LEU A 87 -1.11 9.28 -8.74
N ILE A 88 -0.85 8.17 -9.41
CA ILE A 88 0.05 8.17 -10.55
C ILE A 88 -0.75 7.92 -11.82
N LYS A 89 -0.56 8.80 -12.80
CA LYS A 89 -1.11 8.58 -14.15
C LYS A 89 -0.03 7.94 -15.01
N LEU A 90 -0.41 6.88 -15.72
CA LEU A 90 0.51 6.18 -16.59
C LEU A 90 0.59 6.90 -17.93
N LYS A 91 1.78 6.92 -18.53
CA LYS A 91 2.03 7.60 -19.81
C LYS A 91 1.12 7.02 -20.92
N SER A 92 0.85 5.73 -20.84
N SER A 92 0.85 5.72 -20.84
CA SER A 92 -0.08 5.05 -21.74
CA SER A 92 -0.08 5.05 -21.72
C SER A 92 -0.88 4.04 -20.94
C SER A 92 -0.95 4.15 -20.86
N ALA A 93 -2.10 3.74 -21.39
CA ALA A 93 -2.98 2.82 -20.67
C ALA A 93 -2.35 1.44 -20.66
N ALA A 94 -2.40 0.78 -19.49
CA ALA A 94 -2.03 -0.61 -19.37
C ALA A 94 -2.99 -1.47 -20.17
N SER A 95 -2.49 -2.60 -20.66
CA SER A 95 -3.34 -3.62 -21.26
C SER A 95 -3.91 -4.49 -20.15
N LEU A 96 -5.22 -4.45 -20.00
CA LEU A 96 -5.85 -5.22 -18.93
C LEU A 96 -6.21 -6.63 -19.37
N ASN A 97 -5.90 -7.59 -18.52
CA ASN A 97 -6.07 -9.04 -18.76
C ASN A 97 -6.18 -9.74 -17.40
N SER A 98 -6.18 -11.07 -17.36
CA SER A 98 -6.32 -11.75 -16.07
C SER A 98 -5.14 -11.47 -15.12
N ARG A 99 -3.97 -11.18 -15.67
CA ARG A 99 -2.75 -10.99 -14.88
C ARG A 99 -2.46 -9.52 -14.56
N VAL A 100 -3.16 -8.62 -15.24
CA VAL A 100 -3.07 -7.17 -14.95
C VAL A 100 -4.51 -6.65 -14.92
N ALA A 101 -4.98 -6.30 -13.73
CA ALA A 101 -6.37 -5.91 -13.55
C ALA A 101 -6.49 -4.84 -12.48
N SER A 102 -7.54 -4.03 -12.57
N SER A 102 -7.57 -4.06 -12.55
CA SER A 102 -7.77 -2.99 -11.59
CA SER A 102 -7.80 -3.00 -11.58
C SER A 102 -8.48 -3.55 -10.34
C SER A 102 -8.53 -3.53 -10.34
N ILE A 103 -8.35 -2.83 -9.23
CA ILE A 103 -9.06 -3.14 -7.99
C ILE A 103 -10.08 -2.03 -7.74
N SER A 104 -11.27 -2.41 -7.28
N SER A 104 -11.27 -2.39 -7.30
CA SER A 104 -12.34 -1.47 -6.97
CA SER A 104 -12.33 -1.42 -7.06
C SER A 104 -12.03 -0.59 -5.78
C SER A 104 -12.07 -0.60 -5.81
N LEU A 105 -12.45 0.68 -5.88
CA LEU A 105 -12.43 1.57 -4.73
C LEU A 105 -13.60 1.24 -3.81
N PRO A 106 -13.48 1.54 -2.50
CA PRO A 106 -14.60 1.26 -1.56
C PRO A 106 -15.81 2.14 -1.83
N THR A 107 -16.99 1.61 -1.50
CA THR A 107 -18.23 2.41 -1.51
C THR A 107 -18.55 2.86 -0.08
N SER A 108 -17.95 2.16 0.89
CA SER A 108 -18.03 2.55 2.29
C SER A 108 -16.77 2.09 2.99
N CYS A 109 -16.52 2.63 4.18
CA CYS A 109 -15.37 2.21 4.98
C CYS A 109 -15.60 0.81 5.52
N ALA A 110 -14.51 0.09 5.77
CA ALA A 110 -14.56 -1.24 6.36
C ALA A 110 -14.61 -1.16 7.89
N SER A 111 -15.08 -2.23 8.53
N SER A 111 -15.09 -2.23 8.52
CA SER A 111 -15.18 -2.26 9.98
CA SER A 111 -15.20 -2.26 9.98
C SER A 111 -14.07 -3.09 10.60
C SER A 111 -14.07 -3.09 10.60
N ALA A 112 -13.78 -2.81 11.87
CA ALA A 112 -12.82 -3.59 12.66
C ALA A 112 -13.16 -5.07 12.57
N GLY A 113 -12.13 -5.90 12.45
CA GLY A 113 -12.31 -7.34 12.32
C GLY A 113 -12.38 -7.88 10.90
N THR A 114 -12.67 -6.98 9.95
N THR A 114 -12.55 -7.03 9.90
CA THR A 114 -12.70 -7.35 8.56
CA THR A 114 -12.57 -7.51 8.50
C THR A 114 -11.28 -7.73 8.16
C THR A 114 -11.21 -8.11 8.07
N GLN A 115 -11.20 -8.89 7.53
N GLN A 115 -11.21 -9.25 7.38
CA GLN A 115 -9.94 -9.49 7.08
CA GLN A 115 -9.95 -9.79 6.87
C GLN A 115 -9.58 -8.95 5.70
C GLN A 115 -9.57 -9.03 5.61
N CYS A 116 -8.30 -8.66 5.52
CA CYS A 116 -7.81 -8.01 4.30
C CYS A 116 -6.57 -8.73 3.80
N LEU A 117 -6.24 -8.51 2.53
CA LEU A 117 -5.03 -9.02 1.91
C LEU A 117 -4.06 -7.87 1.71
N ILE A 118 -2.86 -8.00 2.27
CA ILE A 118 -1.82 -6.98 2.19
C ILE A 118 -0.68 -7.65 1.42
N SER A 119 -0.11 -6.97 0.42
CA SER A 119 0.90 -7.63 -0.41
C SER A 119 2.02 -6.68 -0.76
N GLY A 120 3.19 -7.23 -1.12
CA GLY A 120 4.32 -6.41 -1.53
C GLY A 120 5.65 -7.14 -1.61
N TRP A 121 6.67 -6.42 -2.06
CA TRP A 121 8.03 -6.93 -2.19
C TRP A 121 8.94 -6.39 -1.13
N GLY A 122 8.36 -5.97 -0.01
CA GLY A 122 9.13 -5.43 1.10
C GLY A 122 9.89 -6.46 1.91
N ASN A 123 10.67 -5.94 2.84
CA ASN A 123 11.44 -6.74 3.80
C ASN A 123 10.58 -7.86 4.40
N THR A 124 11.16 -9.06 4.47
CA THR A 124 10.47 -10.23 5.03
C THR A 124 10.92 -10.53 6.45
N LYS A 125 11.81 -9.70 7.00
CA LYS A 125 12.32 -9.90 8.35
C LYS A 125 11.97 -8.75 9.29
N SER A 126 11.65 -9.10 10.54
CA SER A 126 11.34 -8.10 11.57
C SER A 126 12.62 -7.56 12.19
N SER A 127 13.69 -8.36 12.10
CA SER A 127 15.01 -7.95 12.54
C SER A 127 16.02 -8.24 11.43
N GLY A 128 16.67 -7.18 10.94
CA GLY A 128 17.56 -7.30 9.80
C GLY A 128 16.79 -7.07 8.50
N THR A 129 17.41 -7.48 7.39
CA THR A 129 16.90 -7.19 6.06
C THR A 129 17.02 -8.38 5.10
N SER A 130 15.88 -8.82 4.57
CA SER A 130 15.84 -9.75 3.44
C SER A 130 14.74 -9.35 2.46
N TYR A 131 15.13 -9.07 1.22
CA TYR A 131 14.15 -8.66 0.20
C TYR A 131 13.85 -9.80 -0.76
N PRO A 132 12.57 -10.11 -0.96
CA PRO A 132 12.15 -11.24 -1.79
C PRO A 132 12.23 -10.93 -3.29
N ASP A 133 12.37 -11.97 -4.09
CA ASP A 133 12.22 -11.84 -5.55
C ASP A 133 10.75 -11.80 -5.94
N VAL A 134 9.94 -12.66 -5.35
CA VAL A 134 8.53 -12.80 -5.71
C VAL A 134 7.60 -12.11 -4.71
N LEU A 135 6.36 -11.89 -5.15
CA LEU A 135 5.38 -11.12 -4.39
C LEU A 135 4.94 -11.91 -3.15
N LYS A 136 4.91 -11.23 -2.00
CA LYS A 136 4.46 -11.85 -0.76
C LYS A 136 3.11 -11.29 -0.35
N CYS A 137 2.36 -12.12 0.38
CA CYS A 137 0.99 -11.83 0.75
C CYS A 137 0.81 -12.07 2.24
N LEU A 138 -0.14 -11.35 2.83
CA LEU A 138 -0.47 -11.55 4.23
C LEU A 138 -1.95 -11.27 4.43
N LYS A 139 -2.63 -12.15 5.16
N LYS A 139 -2.64 -12.16 5.14
CA LYS A 139 -4.01 -11.86 5.56
CA LYS A 139 -3.99 -11.89 5.59
C LYS A 139 -3.99 -11.27 6.97
C LYS A 139 -3.91 -11.23 6.96
N ALA A 140 -4.66 -10.14 7.13
CA ALA A 140 -4.61 -9.35 8.36
C ALA A 140 -5.94 -8.67 8.58
N PRO A 141 -6.40 -8.64 9.84
CA PRO A 141 -7.61 -7.93 10.19
C PRO A 141 -7.41 -6.45 10.48
N ILE A 142 -8.43 -5.66 10.18
CA ILE A 142 -8.51 -4.27 10.60
C ILE A 142 -8.75 -4.23 12.10
N LEU A 143 -7.98 -3.39 12.79
CA LEU A 143 -8.13 -3.24 14.26
C LEU A 143 -9.09 -2.12 14.61
N SER A 144 -9.62 -2.16 15.83
CA SER A 144 -10.54 -1.10 16.29
C SER A 144 -9.79 0.22 16.40
N ASP A 145 -10.56 1.32 16.36
N ASP A 145 -10.48 1.34 16.18
CA ASP A 145 -10.08 2.67 16.66
CA ASP A 145 -9.82 2.65 16.18
C ASP A 145 -9.38 2.74 18.02
C ASP A 145 -9.17 2.89 17.54
N SER A 146 -10.08 2.32 19.09
N SER A 146 -9.85 2.41 18.58
CA SER A 146 -9.53 2.42 20.44
CA SER A 146 -9.36 2.49 19.96
C SER A 146 -8.14 1.82 20.49
C SER A 146 -8.14 1.60 20.16
N SER A 147 -8.00 0.61 19.94
N SER A 147 -7.92 0.10 19.51
CA SER A 147 -6.74 -0.14 19.96
CA SER A 147 -6.61 -0.47 19.79
C SER A 147 -5.61 0.53 19.19
C SER A 147 -5.52 0.30 19.05
N CYS A 148 -5.93 0.97 17.98
CA CYS A 148 -4.99 1.65 17.10
C CYS A 148 -4.41 2.88 17.79
N LYS A 149 -5.29 3.68 18.41
CA LYS A 149 -4.88 4.85 19.19
C LYS A 149 -4.10 4.51 20.45
N SER A 150 -4.46 3.42 21.12
N SER A 150 -4.47 3.41 21.09
CA SER A 150 -3.67 2.94 22.26
CA SER A 150 -3.71 2.90 22.24
C SER A 150 -2.25 2.59 21.82
C SER A 150 -2.28 2.50 21.87
N ALA A 151 -2.12 1.93 20.68
CA ALA A 151 -0.81 1.55 20.16
C ALA A 151 0.03 2.78 19.80
N TYR A 152 -0.61 3.80 19.23
CA TYR A 152 0.08 5.00 18.72
C TYR A 152 -0.63 6.29 19.16
N PRO A 153 -0.55 6.63 20.45
CA PRO A 153 -1.29 7.78 20.96
C PRO A 153 -0.91 9.13 20.32
N GLY A 154 -1.92 9.94 20.04
CA GLY A 154 -1.73 11.27 19.42
C GLY A 154 -1.28 11.26 17.96
N GLN A 155 -1.22 10.07 17.36
CA GLN A 155 -0.65 9.91 16.00
C GLN A 155 -1.62 9.44 14.94
N ILE A 156 -2.72 8.82 15.35
CA ILE A 156 -3.70 8.30 14.39
C ILE A 156 -4.73 9.35 14.06
N THR A 157 -4.73 9.81 12.82
CA THR A 157 -5.75 10.73 12.37
C THR A 157 -6.93 9.94 11.86
N SER A 158 -8.01 10.64 11.49
CA SER A 158 -9.21 10.04 10.92
C SER A 158 -8.90 9.40 9.56
N ASN A 159 -7.74 9.74 9.01
CA ASN A 159 -7.32 9.25 7.71
C ASN A 159 -6.35 8.07 7.80
N MET A 160 -6.32 7.44 8.96
CA MET A 160 -5.46 6.28 9.16
C MET A 160 -6.23 5.17 9.84
N PHE A 161 -5.76 3.94 9.64
CA PHE A 161 -6.24 2.81 10.43
C PHE A 161 -5.13 1.80 10.66
N CYS A 162 -5.32 0.98 11.69
CA CYS A 162 -4.36 -0.09 11.98
C CYS A 162 -4.89 -1.40 11.44
N ALA A 163 -3.98 -2.27 11.01
CA ALA A 163 -4.31 -3.65 10.64
C ALA A 163 -3.15 -4.58 10.99
N GLY A 164 -3.47 -5.81 11.36
CA GLY A 164 -2.42 -6.75 11.70
C GLY A 164 -2.62 -7.44 13.03
N TYR A 165 -1.51 -7.65 13.73
CA TYR A 165 -1.45 -8.62 14.85
C TYR A 165 -0.63 -8.10 16.01
N LEU A 166 -1.29 -7.87 17.14
CA LEU A 166 -0.63 -7.27 18.29
C LEU A 166 0.39 -8.19 18.95
N GLU A 167 0.28 -9.49 18.68
CA GLU A 167 1.24 -10.48 19.22
C GLU A 167 2.58 -10.45 18.48
N GLY A 168 2.66 -9.68 17.40
CA GLY A 168 3.89 -9.60 16.61
C GLY A 168 4.04 -10.74 15.61
N GLY A 169 5.00 -10.62 14.70
CA GLY A 169 5.29 -11.70 13.75
C GLY A 169 4.73 -11.57 12.35
N LYS A 170 3.72 -10.72 12.17
CA LYS A 170 3.02 -10.58 10.88
C LYS A 170 2.72 -9.11 10.57
N ASP A 171 3.29 -8.58 9.49
CA ASP A 171 3.14 -7.15 9.21
C ASP A 171 3.63 -6.83 7.79
N SER A 172 3.30 -5.63 7.33
CA SER A 172 3.98 -5.04 6.17
C SER A 172 5.28 -4.44 6.66
N CYS A 173 6.20 -4.14 5.74
CA CYS A 173 7.51 -3.62 6.13
C CYS A 173 8.14 -2.81 4.99
N GLN A 174 9.37 -2.35 5.22
CA GLN A 174 10.06 -1.48 4.25
C GLN A 174 10.09 -2.08 2.86
N GLY A 175 9.61 -1.29 1.89
CA GLY A 175 9.45 -1.77 0.51
C GLY A 175 8.02 -2.10 0.15
N ASP A 176 7.18 -2.26 1.16
CA ASP A 176 5.73 -2.48 0.95
C ASP A 176 4.93 -1.19 0.84
N SER A 177 5.49 -0.06 1.29
CA SER A 177 4.80 1.24 1.25
C SER A 177 4.15 1.50 -0.07
N GLY A 178 2.93 2.04 -0.03
CA GLY A 178 2.21 2.40 -1.23
C GLY A 178 1.33 1.29 -1.75
N GLY A 179 1.59 0.07 -1.28
CA GLY A 179 0.86 -1.10 -1.76
C GLY A 179 -0.52 -1.26 -1.15
N PRO A 180 -1.25 -2.26 -1.61
CA PRO A 180 -2.66 -2.46 -1.29
C PRO A 180 -2.96 -3.15 0.04
N VAL A 181 -4.05 -2.68 0.66
CA VAL A 181 -4.79 -3.42 1.67
C VAL A 181 -6.18 -3.58 1.05
N VAL A 182 -6.50 -4.81 0.65
CA VAL A 182 -7.76 -5.09 -0.03
C VAL A 182 -8.63 -5.97 0.85
N CYS A 183 -9.88 -5.54 1.04
CA CYS A 183 -10.79 -6.20 1.98
C CYS A 183 -12.08 -6.40 1.22
N SER A 184 -12.47 -7.68 1.10
N SER A 184 -12.50 -7.67 1.14
CA SER A 184 -13.66 -8.08 0.33
CA SER A 184 -13.65 -8.11 0.32
C SER A 184 -13.73 -7.37 -1.04
C SER A 184 -13.73 -7.41 -1.04
N GLY A 185 -12.63 -7.41 -1.77
CA GLY A 185 -12.55 -6.89 -3.12
C GLY A 185 -12.49 -5.39 -3.28
N LYS A 186 -12.26 -4.67 -2.19
CA LYS A 186 -12.18 -3.20 -2.21
C LYS A 186 -10.85 -2.74 -1.66
N LEU A 187 -10.25 -1.75 -2.29
CA LEU A 187 -8.99 -1.17 -1.81
C LEU A 187 -9.27 -0.25 -0.62
N GLN A 188 -9.12 -0.78 0.61
CA GLN A 188 -9.42 0.02 1.78
C GLN A 188 -8.19 0.73 2.35
N GLY A 189 -7.00 0.23 2.02
CA GLY A 189 -5.79 0.76 2.67
C GLY A 189 -4.60 0.87 1.74
N ILE A 190 -3.70 1.79 2.10
CA ILE A 190 -2.40 1.95 1.48
C ILE A 190 -1.35 1.75 2.57
N VAL A 191 -0.37 0.88 2.32
CA VAL A 191 0.71 0.67 3.29
C VAL A 191 1.41 2.01 3.55
N SER A 192 1.43 2.43 4.82
CA SER A 192 1.95 3.77 5.13
C SER A 192 3.11 3.72 6.13
N TRP A 193 2.85 3.33 7.38
CA TRP A 193 3.91 3.39 8.38
C TRP A 193 3.69 2.47 9.54
N GLY A 194 4.64 2.47 10.45
CA GLY A 194 4.49 1.74 11.71
C GLY A 194 5.77 1.88 12.50
N SER A 195 5.74 1.42 13.75
N SER A 195 5.75 1.42 13.75
CA SER A 195 6.95 1.39 14.55
CA SER A 195 6.97 1.39 14.57
C SER A 195 7.65 0.06 14.33
C SER A 195 7.69 0.07 14.38
N GLY A 196 8.71 0.08 13.52
CA GLY A 196 9.38 -1.15 13.10
C GLY A 196 8.41 -1.96 12.24
N CYS A 197 8.66 -3.26 12.18
CA CYS A 197 7.80 -4.20 11.48
C CYS A 197 7.57 -5.41 12.33
N ALA A 198 6.29 -5.82 12.44
CA ALA A 198 5.91 -7.06 13.10
C ALA A 198 6.29 -7.09 14.59
N GLN A 199 6.42 -5.91 15.19
CA GLN A 199 6.74 -5.82 16.61
C GLN A 199 5.47 -5.97 17.45
N LYS A 200 5.60 -6.61 18.61
N LYS A 200 5.61 -6.59 18.62
CA LYS A 200 4.50 -6.74 19.56
CA LYS A 200 4.54 -6.69 19.60
C LYS A 200 3.90 -5.37 19.89
C LYS A 200 3.90 -5.34 19.87
N ASN A 201 2.57 -5.31 19.91
CA ASN A 201 1.79 -4.10 20.23
C ASN A 201 2.02 -2.91 19.30
N LYS A 202 2.62 -3.18 18.15
CA LYS A 202 2.91 -2.13 17.18
C LYS A 202 2.41 -2.57 15.79
N PRO A 203 1.08 -2.46 15.55
CA PRO A 203 0.57 -2.93 14.27
C PRO A 203 0.89 -1.96 13.12
N GLY A 204 0.71 -2.42 11.88
CA GLY A 204 0.88 -1.53 10.74
C GLY A 204 -0.19 -0.46 10.69
N VAL A 205 0.19 0.71 10.20
CA VAL A 205 -0.74 1.81 9.99
C VAL A 205 -0.88 2.07 8.49
N TYR A 206 -2.12 2.31 8.08
CA TYR A 206 -2.52 2.37 6.67
C TYR A 206 -3.36 3.59 6.38
N THR A 207 -3.16 4.16 5.20
CA THR A 207 -3.98 5.28 4.77
C THR A 207 -5.41 4.78 4.53
N LYS A 208 -6.38 5.52 5.06
CA LYS A 208 -7.80 5.11 5.00
C LYS A 208 -8.45 5.54 3.68
N VAL A 209 -8.40 4.66 2.68
CA VAL A 209 -8.76 5.02 1.32
C VAL A 209 -10.22 5.43 1.17
N CYS A 210 -11.10 4.89 2.00
CA CYS A 210 -12.52 5.26 1.91
C CYS A 210 -12.76 6.76 2.11
N ASN A 211 -11.84 7.44 2.79
CA ASN A 211 -11.97 8.90 2.97
C ASN A 211 -11.60 9.70 1.75
N TYR A 212 -10.99 9.04 0.76
CA TYR A 212 -10.41 9.71 -0.39
C TYR A 212 -11.08 9.37 -1.72
N VAL A 213 -12.16 8.58 -1.70
CA VAL A 213 -12.77 8.15 -2.95
C VAL A 213 -13.23 9.35 -3.80
N SER A 214 -13.88 10.31 -3.15
N SER A 214 -13.88 10.31 -3.16
CA SER A 214 -14.31 11.54 -3.84
CA SER A 214 -14.31 11.54 -3.84
C SER A 214 -13.14 12.33 -4.43
C SER A 214 -13.13 12.30 -4.44
N TRP A 215 -12.09 12.51 -3.64
CA TRP A 215 -10.87 13.19 -4.10
C TRP A 215 -10.20 12.46 -5.25
N ILE A 216 -10.16 11.13 -5.18
CA ILE A 216 -9.59 10.34 -6.24
C ILE A 216 -10.39 10.55 -7.51
N LYS A 217 -11.72 10.42 -7.41
CA LYS A 217 -12.56 10.57 -8.58
C LYS A 217 -12.45 11.97 -9.20
N GLN A 218 -12.48 13.00 -8.35
CA GLN A 218 -12.40 14.40 -8.80
C GLN A 218 -11.04 14.67 -9.47
N THR A 219 -9.98 14.13 -8.89
CA THR A 219 -8.63 14.35 -9.39
C THR A 219 -8.41 13.64 -10.75
N ILE A 220 -8.86 12.39 -10.83
CA ILE A 220 -8.78 11.67 -12.10
C ILE A 220 -9.59 12.38 -13.21
N ALA A 221 -10.82 12.79 -12.88
CA ALA A 221 -11.70 13.40 -13.85
C ALA A 221 -11.11 14.68 -14.44
N SER A 222 -10.31 15.39 -13.65
CA SER A 222 -9.73 16.65 -14.11
C SER A 222 -8.30 16.51 -14.68
N ASN A 223 -7.82 15.27 -14.76
CA ASN A 223 -6.47 15.02 -15.29
C ASN A 223 -6.46 14.01 -16.43
N GLY B 1 11.21 3.60 16.78
CA GLY B 1 10.51 4.82 16.29
C GLY B 1 9.65 4.56 15.07
N ARG B 2 8.70 5.47 14.81
N ARG B 2 8.72 5.48 14.78
CA ARG B 2 7.80 5.35 13.68
CA ARG B 2 7.79 5.30 13.69
C ARG B 2 8.55 5.66 12.39
C ARG B 2 8.36 5.73 12.34
N CYS B 3 8.35 4.80 11.39
CA CYS B 3 8.99 4.98 10.10
C CYS B 3 8.02 4.61 8.99
N THR B 4 8.17 5.27 7.85
CA THR B 4 7.44 4.87 6.64
C THR B 4 8.02 3.54 6.17
N LYS B 5 7.29 2.85 5.31
CA LYS B 5 7.72 1.51 4.88
C LYS B 5 8.22 1.52 3.44
N SER B 6 8.94 2.58 3.08
CA SER B 6 9.51 2.71 1.74
C SER B 6 10.96 2.23 1.75
N ILE B 7 11.54 2.09 0.55
CA ILE B 7 12.97 1.86 0.40
C ILE B 7 13.58 3.17 -0.09
O PLF B 8 13.88 6.12 6.03
C PLF B 8 12.71 5.78 5.85
CA1 PLF B 8 12.37 4.34 5.53
CB1 PLF B 8 12.30 3.54 6.83
N2 PLF B 8 13.37 3.75 4.61
C2 PLF B 8 13.69 4.00 3.30
N3 PLF B 8 14.23 2.72 5.02
N1 PLF B 8 15.00 2.38 4.04
C1 PLF B 8 14.71 3.14 2.95
CA PLF B 8 15.39 3.00 1.60
CB PLF B 8 16.76 3.67 1.65
CG PLF B 8 16.52 5.07 1.11
CD PLF B 8 15.25 5.00 0.25
N PLF B 8 14.66 3.70 0.54
N ILE B 9 11.68 6.62 5.93
CA ILE B 9 11.75 7.89 6.59
C ILE B 9 11.22 7.76 8.02
N CYS B 10 12.07 8.07 8.99
CA CYS B 10 11.76 7.84 10.41
C CYS B 10 11.59 9.13 11.23
N PHE B 11 10.77 9.06 12.28
CA PHE B 11 10.50 10.20 13.17
C PHE B 11 10.65 9.86 14.65
CA CA C . 9.53 -9.88 -13.57
C1 DMF D . -4.55 -15.55 -1.63
C1 DMF D . -5.64 -15.23 -3.91
C2 DMF D . -4.46 -13.82 -3.46
C2 DMF D . -3.28 -16.11 -3.74
C DMF D . -2.65 -15.25 -3.00
C DMF D . -4.26 -14.80 -2.05
O DMF D . -2.38 -16.44 -2.98
O DMF D . -4.06 -15.48 -1.07
N DMF D . -3.83 -14.89 -2.72
N DMF D . -4.39 -15.35 -3.19
C1 DMF E . -13.59 3.35 -11.22
C1 DMF E . -11.05 4.78 -10.74
C2 DMF E . -12.11 4.71 -12.73
C2 DMF E . -12.39 6.67 -11.74
C DMF E . -11.82 4.65 -10.39
C DMF E . -12.22 4.56 -12.77
O DMF E . -12.05 5.75 -9.92
O DMF E . -12.92 3.58 -12.58
N DMF E . -12.48 4.26 -11.40
N DMF E . -11.89 5.30 -11.80
C1 DMF F . -3.38 17.62 8.06
C2 DMF F . -1.68 19.14 9.12
C DMF F . -2.07 16.94 9.87
O DMF F . -0.90 16.66 10.08
N DMF F . -2.36 17.85 9.06
C1 GOL G . -9.61 -9.75 -0.19
O1 GOL G . -10.72 -9.46 -1.04
C2 GOL G . -10.10 -10.66 0.95
O2 GOL G . -10.68 -9.84 1.97
C3 GOL G . -8.91 -11.47 1.47
O3 GOL G . -8.96 -11.55 2.90
C1 GOL H . -11.27 1.18 9.45
C1 GOL H . -11.86 1.80 9.29
O1 GOL H . -12.20 1.70 8.50
O1 GOL H . -10.64 1.31 8.72
C2 GOL H . -11.55 1.77 10.82
C2 GOL H . -11.79 1.79 10.82
O2 GOL H . -11.25 3.17 10.79
O2 GOL H . -10.54 2.34 11.25
C3 GOL H . -10.69 1.10 11.88
C3 GOL H . -11.97 0.36 11.33
O3 GOL H . -11.49 0.81 13.04
O3 GOL H . -11.79 0.31 12.76
C1 GOL I . 16.23 -3.98 -2.92
C1 GOL I . 15.96 -3.11 -2.11
O1 GOL I . 16.88 -3.09 -2.02
O1 GOL I . 17.30 -3.63 -2.18
C2 GOL I . 14.84 -3.42 -3.21
C2 GOL I . 15.18 -3.58 -3.33
O2 GOL I . 14.88 -2.68 -4.43
O2 GOL I . 13.86 -3.04 -3.28
C3 GOL I . 13.84 -4.55 -3.29
C3 GOL I . 15.11 -5.10 -3.33
O3 GOL I . 14.00 -5.32 -4.49
O3 GOL I . 14.10 -5.54 -4.24
C1 GOL J . 12.25 -15.33 -2.79
O1 GOL J . 11.28 -14.77 -3.68
C2 GOL J . 11.60 -15.27 -1.42
O2 GOL J . 10.78 -16.43 -1.27
C3 GOL J . 12.64 -15.20 -0.31
O3 GOL J . 12.05 -14.53 0.81
C1 GOL K . -9.93 4.08 -17.30
O1 GOL K . -8.82 4.34 -18.18
C2 GOL K . -10.91 3.04 -17.83
O2 GOL K . -11.97 2.89 -16.88
C3 GOL K . -10.23 1.68 -18.09
O3 GOL K . -10.05 0.90 -16.90
C1 GOL L . -7.10 14.09 13.57
O1 GOL L . -6.95 13.10 14.61
C2 GOL L . -8.26 13.70 12.66
O2 GOL L . -9.39 13.35 13.47
C3 GOL L . -8.63 14.87 11.77
O3 GOL L . -7.61 15.03 10.76
C1 GOL M . 12.63 8.76 -0.98
O1 GOL M . 13.64 8.21 -1.84
C2 GOL M . 11.24 8.61 -1.60
O2 GOL M . 11.19 9.27 -2.87
C3 GOL M . 10.87 7.13 -1.77
O3 GOL M . 10.18 6.67 -0.59
S SO4 N . -5.68 10.11 20.68
O1 SO4 N . -6.81 9.57 21.47
O2 SO4 N . -5.92 9.79 19.25
O3 SO4 N . -4.39 9.51 21.13
O4 SO4 N . -5.62 11.57 20.82
S SO4 O . 15.46 -3.74 -15.48
O1 SO4 O . 14.36 -4.67 -15.12
O2 SO4 O . 15.12 -2.99 -16.71
O3 SO4 O . 16.69 -4.53 -15.71
O4 SO4 O . 15.65 -2.82 -14.35
#